data_1YLS
#
_entry.id   1YLS
#
_cell.length_a   77.873
_cell.length_b   43.269
_cell.length_c   79.928
_cell.angle_alpha   90.00
_cell.angle_beta   106.19
_cell.angle_gamma   90.00
#
_symmetry.space_group_name_H-M   'P 1 21 1'
#
loop_
_entity.id
_entity.type
_entity.pdbx_description
1 polymer 'RNA Diels-Alder ribozyme'
2 polymer 'RNA Diels-Alder ribozyme'
3 non-polymer "(3AS,9AS)-2-PENTYL-4-HYDROXYMETHYL-3A,4,9,9A-TETRAHYDRO-4,9[1',2']-BENZENO-1H-BENZ[F]ISOINDOLE-1,3(2H)-DIONE"
4 non-polymer 'MAGNESIUM ION'
5 water water
#
loop_
_entity_poly.entity_id
_entity_poly.type
_entity_poly.pdbx_seq_one_letter_code
_entity_poly.pdbx_strand_id
1 'polyribonucleotide' GGAGC(UMS)CGC(CSL)C A,C
2 'polyribonucleotide' GGG(CSL)GAGG(CSL)CGUGCCGGC(UMS)CU(UMS)CGGAGCAAUACUCGGC B,D
#
loop_
_chem_comp.id
_chem_comp.type
_chem_comp.name
_chem_comp.formula
A RNA linking ADENOSINE-5'-MONOPHOSPHATE 'C10 H14 N5 O7 P'
C RNA linking CYTIDINE-5'-MONOPHOSPHATE 'C9 H14 N3 O8 P'
CSL DNA linking (D)-2'-METHYLSELENYL-2'-DEOXYCYTIDINE-5'-PHOSPHATE 'C10 H16 N3 O7 P Se'
DAI non-polymer (3AS,9AS)-2-PENTYL-4-HYDROXYMETHYL-3A,4,9,9A-TETRAHYDRO-4,9[1',2']-BENZENO-1H-BENZ[F]ISOINDOLE-1,3(2H)-DIONE 'C24 H25 N O3'
G RNA linking GUANOSINE-5'-MONOPHOSPHATE 'C10 H14 N5 O8 P'
MG non-polymer 'MAGNESIUM ION' 'Mg 2'
U RNA linking URIDINE-5'-MONOPHOSPHATE 'C9 H13 N2 O9 P'
UMS DNA linking 2'-METHYLSELENYL-2'-DEOXYURIDINE-5'-PHOSPHATE 'C10 H15 N2 O8 P Se'
#
# COMPACT_ATOMS: atom_id res chain seq x y z
P UMS A 6 19.97 -12.05 -3.12
OP1 UMS A 6 21.40 -11.69 -3.28
OP2 UMS A 6 19.32 -13.00 -4.05
O5' UMS A 6 19.74 -12.64 -1.69
C5' UMS A 6 20.17 -11.90 -0.60
C4' UMS A 6 19.60 -12.50 0.65
O4' UMS A 6 18.16 -12.51 0.57
C3' UMS A 6 19.97 -13.95 0.90
O3' UMS A 6 21.26 -14.05 1.47
C2' UMS A 6 18.86 -14.36 1.86
SE2' UMS A 6 19.07 -13.68 3.60
C1' UMS A 6 17.65 -13.68 1.22
CA' UMS A 6 20.83 -13.11 4.00
N1 UMS A 6 16.86 -14.50 0.25
C2 UMS A 6 16.04 -15.49 0.74
O2 UMS A 6 15.94 -15.75 1.91
N3 UMS A 6 15.32 -16.16 -0.19
C4 UMS A 6 15.35 -15.94 -1.55
O4 UMS A 6 14.64 -16.64 -2.27
C5 UMS A 6 16.21 -14.90 -1.99
C6 UMS A 6 16.91 -14.22 -1.09
P CSL A 10 23.73 -31.04 -1.22
O2P CSL A 10 24.54 -29.82 -1.32
O1P CSL A 10 24.39 -32.34 -0.92
O5' CSL A 10 22.85 -31.19 -2.54
C5' CSL A 10 21.95 -32.27 -2.69
C4' CSL A 10 21.21 -32.12 -4.00
O4' CSL A 10 20.45 -30.89 -3.96
C1' CSL A 10 20.32 -30.37 -5.29
N1 CSL A 10 20.91 -29.02 -5.40
C2 CSL A 10 20.58 -28.24 -6.51
O2 CSL A 10 19.81 -28.69 -7.36
N3 CSL A 10 21.13 -27.03 -6.63
C4 CSL A 10 21.96 -26.57 -5.71
N4 CSL A 10 22.47 -25.36 -5.88
C5 CSL A 10 22.31 -27.35 -4.57
C6 CSL A 10 21.78 -28.56 -4.46
C2' CSL A 10 21.05 -31.34 -6.21
SE2' CSL A 10 19.85 -32.55 -7.01
CA' CSL A 10 20.59 -33.48 -8.46
C3' CSL A 10 22.06 -31.94 -5.24
O3' CSL A 10 22.65 -33.16 -5.72
P CSL B 4 10.73 -24.94 -9.36
O2P CSL B 4 11.37 -24.19 -8.27
O1P CSL B 4 9.56 -24.34 -10.02
O5' CSL B 4 10.38 -26.42 -8.86
C5' CSL B 4 9.77 -26.65 -7.62
C4' CSL B 4 10.66 -27.48 -6.68
O4' CSL B 4 12.09 -27.35 -6.94
C1' CSL B 4 12.81 -27.41 -5.70
N1 CSL B 4 13.59 -26.15 -5.47
C2 CSL B 4 14.43 -26.04 -4.37
O2 CSL B 4 14.54 -27.01 -3.60
N3 CSL B 4 15.12 -24.90 -4.18
C4 CSL B 4 14.97 -23.90 -5.02
N4 CSL B 4 15.66 -22.80 -4.82
C5 CSL B 4 14.11 -23.97 -6.13
C6 CSL B 4 13.43 -25.09 -6.31
C2' CSL B 4 11.78 -27.64 -4.60
SE2' CSL B 4 11.65 -29.46 -4.13
CA' CSL B 4 9.88 -30.10 -4.21
C3' CSL B 4 10.54 -27.03 -5.24
O3' CSL B 4 9.33 -27.45 -4.65
P CSL B 9 1.39 -17.32 8.26
O2P CSL B 9 1.97 -16.47 7.20
O1P CSL B 9 0.41 -18.38 7.92
O5' CSL B 9 0.74 -16.38 9.32
C5' CSL B 9 0.30 -16.92 10.52
C4' CSL B 9 -0.09 -15.79 11.40
O4' CSL B 9 1.08 -15.15 11.89
C1' CSL B 9 0.85 -13.78 12.06
N1 CSL B 9 1.72 -13.09 11.25
C2 CSL B 9 1.93 -11.74 11.50
O2 CSL B 9 1.33 -11.19 12.42
N3 CSL B 9 2.80 -11.08 10.71
C4 CSL B 9 3.42 -11.75 9.73
N4 CSL B 9 4.28 -11.08 8.98
C5 CSL B 9 3.19 -13.12 9.48
C6 CSL B 9 2.34 -13.74 10.25
C2' CSL B 9 -0.60 -13.53 11.70
SE2' CSL B 9 -1.68 -13.59 13.25
CA' CSL B 9 -0.83 -13.09 14.88
C3' CSL B 9 -0.82 -14.67 10.71
O3' CSL B 9 -2.16 -15.07 10.52
P UMS B 19 -14.81 -11.01 -19.95
OP1 UMS B 19 -15.32 -12.02 -20.91
OP2 UMS B 19 -13.96 -9.88 -20.39
O5' UMS B 19 -16.04 -10.42 -19.20
C5' UMS B 19 -16.79 -11.30 -18.47
C4' UMS B 19 -17.57 -10.54 -17.46
O4' UMS B 19 -16.75 -10.11 -16.36
C3' UMS B 19 -18.17 -9.25 -17.99
O3' UMS B 19 -19.30 -9.55 -18.83
C2' UMS B 19 -18.52 -8.62 -16.67
SE2' UMS B 19 -19.91 -9.50 -15.77
C1' UMS B 19 -17.23 -8.87 -15.90
CA' UMS B 19 -20.87 -10.69 -16.87
N1 UMS B 19 -16.22 -7.83 -16.12
C2 UMS B 19 -16.45 -6.57 -15.65
O2 UMS B 19 -17.45 -6.24 -15.08
N3 UMS B 19 -15.48 -5.67 -15.88
C4 UMS B 19 -14.30 -5.93 -16.51
O4 UMS B 19 -13.51 -5.02 -16.65
C5 UMS B 19 -14.11 -7.28 -16.97
C6 UMS B 19 -15.05 -8.17 -16.76
P UMS B 22 -23.06 2.10 -22.11
OP1 UMS B 22 -24.54 2.15 -22.12
OP2 UMS B 22 -22.39 1.06 -22.91
O5' UMS B 22 -22.43 3.51 -22.52
C5' UMS B 22 -23.15 4.42 -23.33
C4' UMS B 22 -23.29 5.73 -22.61
O4' UMS B 22 -24.31 5.61 -21.57
C3' UMS B 22 -22.00 6.15 -21.89
O3' UMS B 22 -21.73 7.54 -22.03
C2' UMS B 22 -22.32 5.80 -20.47
SE2' UMS B 22 -21.36 6.77 -19.18
C1' UMS B 22 -23.78 6.21 -20.41
CA' UMS B 22 -21.93 8.56 -19.16
N1 UMS B 22 -24.40 5.78 -19.10
C2 UMS B 22 -24.89 6.76 -18.23
O2 UMS B 22 -24.92 7.95 -18.48
N3 UMS B 22 -25.39 6.27 -17.04
C4 UMS B 22 -25.43 4.95 -16.64
O4 UMS B 22 -25.90 4.67 -15.55
C5 UMS B 22 -24.87 4.00 -17.58
C6 UMS B 22 -24.37 4.45 -18.73
P UMS C 6 15.00 15.58 9.10
OP1 UMS C 6 16.37 15.20 9.53
OP2 UMS C 6 14.15 16.45 9.95
O5' UMS C 6 15.06 16.26 7.69
C5' UMS C 6 15.65 15.56 6.63
C4' UMS C 6 15.43 16.29 5.34
O4' UMS C 6 14.02 16.22 4.97
C3' UMS C 6 15.74 17.80 5.32
O3' UMS C 6 17.16 18.06 5.23
C2' UMS C 6 14.99 18.19 4.06
SE2' UMS C 6 15.90 17.75 2.47
C1' UMS C 6 13.70 17.35 4.17
CA' UMS C 6 17.73 18.26 2.53
N1 UMS C 6 12.50 18.02 4.79
C2 UMS C 6 11.63 18.76 4.01
O2 UMS C 6 11.75 18.92 2.81
N3 UMS C 6 10.56 19.30 4.68
C4 UMS C 6 10.29 19.18 6.03
O4 UMS C 6 9.31 19.72 6.50
C5 UMS C 6 11.22 18.38 6.78
C6 UMS C 6 12.26 17.85 6.15
P CSL C 10 14.86 35.28 7.93
O2P CSL C 10 15.82 34.21 8.32
O1P CSL C 10 15.37 36.64 7.61
O5' CSL C 10 13.77 35.41 9.08
C5' CSL C 10 12.57 36.11 8.84
C4' CSL C 10 11.56 35.82 9.93
O4' CSL C 10 10.97 34.51 9.70
C1' CSL C 10 10.73 33.90 10.98
N1 CSL C 10 11.61 32.70 11.19
C2 CSL C 10 11.29 31.79 12.22
O2 CSL C 10 10.29 32.02 12.92
N3 CSL C 10 12.08 30.69 12.43
C4 CSL C 10 13.15 30.47 11.66
N4 CSL C 10 13.88 29.37 11.91
C5 CSL C 10 13.51 31.38 10.61
C6 CSL C 10 12.73 32.47 10.42
C2' CSL C 10 10.96 34.98 12.04
SE2' CSL C 10 9.41 36.00 12.38
CA' CSL C 10 9.60 37.09 13.91
C3' CSL C 10 12.12 35.73 11.37
O3' CSL C 10 12.40 37.02 11.99
P CSL D 4 2.01 26.54 11.70
O2P CSL D 4 3.14 26.04 10.87
O1P CSL D 4 0.74 25.76 11.67
O5' CSL D 4 1.71 28.08 11.33
C5' CSL D 4 1.15 28.39 10.10
C4' CSL D 4 2.11 29.21 9.27
O4' CSL D 4 3.43 29.36 9.92
C1' CSL D 4 4.42 29.53 8.88
N1 CSL D 4 5.44 28.38 8.89
C2 CSL D 4 6.48 28.31 7.94
O2 CSL D 4 6.60 29.19 7.09
N3 CSL D 4 7.33 27.24 7.97
C4 CSL D 4 7.20 26.29 8.90
N4 CSL D 4 8.07 25.27 8.91
C5 CSL D 4 6.16 26.35 9.88
C6 CSL D 4 5.33 27.39 9.83
C2' CSL D 4 3.59 29.62 7.58
SE2' CSL D 4 2.91 31.35 7.30
CA' CSL D 4 1.32 31.27 6.27
C3' CSL D 4 2.48 28.63 7.92
O3' CSL D 4 1.41 28.65 7.00
P CSL D 9 0.63 17.94 -8.09
O2P CSL D 9 0.82 17.10 -6.88
O1P CSL D 9 -0.63 18.70 -8.31
O5' CSL D 9 0.89 17.04 -9.31
C5' CSL D 9 0.50 17.46 -10.52
C4' CSL D 9 0.76 16.35 -11.47
O4' CSL D 9 2.14 16.00 -11.43
C1' CSL D 9 2.27 14.62 -11.66
N1 CSL D 9 2.95 14.02 -10.55
C2 CSL D 9 3.57 12.77 -10.69
O2 CSL D 9 3.55 12.19 -11.78
N3 CSL D 9 4.18 12.25 -9.62
C4 CSL D 9 4.16 12.90 -8.48
N4 CSL D 9 4.79 12.33 -7.45
C5 CSL D 9 3.54 14.15 -8.32
C6 CSL D 9 2.93 14.67 -9.36
C2' CSL D 9 0.87 14.07 -11.83
SE2' CSL D 9 0.47 13.95 -13.67
CA' CSL D 9 0.95 15.49 -14.65
C3' CSL D 9 0.06 15.09 -11.05
O3' CSL D 9 -1.30 15.18 -11.36
P UMS D 19 -23.18 7.33 12.94
OP1 UMS D 19 -24.14 8.26 13.58
OP2 UMS D 19 -22.20 6.56 13.74
O5' UMS D 19 -23.98 6.31 12.06
C5' UMS D 19 -24.74 6.85 11.05
C4' UMS D 19 -24.64 5.95 9.88
O4' UMS D 19 -23.27 5.78 9.46
C3' UMS D 19 -25.10 4.55 10.20
O3' UMS D 19 -26.51 4.48 10.30
C2' UMS D 19 -24.53 3.81 9.01
SE2' UMS D 19 -25.64 3.87 7.50
C1' UMS D 19 -23.21 4.55 8.74
CA' UMS D 19 -27.09 5.05 7.67
N1 UMS D 19 -22.05 3.77 9.17
C2 UMS D 19 -21.76 2.59 8.53
O2 UMS D 19 -22.37 2.15 7.60
N3 UMS D 19 -20.68 1.94 9.01
C4 UMS D 19 -19.90 2.33 10.05
O4 UMS D 19 -18.96 1.64 10.38
C5 UMS D 19 -20.26 3.55 10.68
C6 UMS D 19 -21.32 4.22 10.24
P UMS D 22 -27.68 -7.85 13.11
OP1 UMS D 22 -28.83 -8.55 12.51
OP2 UMS D 22 -27.88 -6.60 13.87
O5' UMS D 22 -26.86 -8.88 14.00
C5' UMS D 22 -27.50 -9.83 14.80
C4' UMS D 22 -26.93 -11.22 14.58
O4' UMS D 22 -27.59 -11.79 13.45
C3' UMS D 22 -25.43 -11.26 14.26
O3' UMS D 22 -24.78 -12.41 14.87
C2' UMS D 22 -25.44 -11.31 12.74
SE2' UMS D 22 -23.86 -12.01 11.96
C1' UMS D 22 -26.63 -12.22 12.51
CA' UMS D 22 -23.95 -13.89 11.97
N1 UMS D 22 -27.23 -12.13 11.19
C2 UMS D 22 -27.42 -13.28 10.45
O2 UMS D 22 -27.08 -14.39 10.83
N3 UMS D 22 -28.04 -13.09 9.24
C4 UMS D 22 -28.46 -11.88 8.71
O4 UMS D 22 -28.99 -11.84 7.61
C5 UMS D 22 -28.24 -10.74 9.56
C6 UMS D 22 -27.65 -10.90 10.73
O23 DAI E . 3.32 -4.30 -6.58
C24 DAI E . 2.96 -5.47 -6.57
C28 DAI E . 3.30 -6.41 -7.68
C13 DAI E . 4.81 -6.53 -7.85
C15 DAI E . 5.02 -7.64 -8.76
C16 DAI E . 4.50 -8.84 -8.32
C17 DAI E . 4.60 -9.96 -9.12
C18 DAI E . 5.25 -9.87 -10.36
C19 DAI E . 5.77 -8.64 -10.77
C14 DAI E . 5.64 -7.53 -9.97
C12 DAI E . 5.29 -6.93 -6.54
C11 DAI E . 4.76 -8.11 -6.07
C9 DAI E . 5.08 -8.56 -4.80
C8 DAI E . 5.97 -7.81 -4.03
C7 DAI E . 6.51 -6.61 -4.52
C6 DAI E . 6.14 -6.16 -5.78
C27 DAI E . 2.70 -7.72 -7.18
C10 DAI E . 3.80 -8.78 -6.99
C5 DAI E . 3.31 -10.13 -6.48
O4 DAI E . 4.38 -11.09 -6.46
C26 DAI E . 2.10 -7.28 -5.89
O22 DAI E . 1.51 -8.02 -5.15
N25 DAI E . 2.31 -6.05 -5.64
C21 DAI E . 1.92 -5.43 -4.39
C20 DAI E . 0.74 -4.53 -4.70
C3 DAI E . 0.65 -3.38 -3.70
C2 DAI E . -0.16 -2.22 -4.27
C1 DAI E . -1.22 -1.76 -3.30
MG MG F . 7.15 -6.67 6.48
MG MG G . 2.32 -11.58 3.72
MG MG H . -6.83 -3.12 -13.09
MG MG I . 19.67 -19.76 -5.91
MG MG J . -7.99 -10.55 0.26
MG MG K . 8.21 -21.29 -2.09
MG MG L . -10.02 -0.92 -1.90
O23 DAI M . -0.59 4.76 7.11
C24 DAI M . -0.99 5.89 6.82
C28 DAI M . -1.30 6.92 7.86
C13 DAI M . -0.05 7.33 8.64
C15 DAI M . -0.46 8.50 9.44
C16 DAI M . -0.92 9.56 8.71
C17 DAI M . -1.38 10.70 9.34
C18 DAI M . -1.34 10.77 10.73
C19 DAI M . -0.86 9.69 11.48
C14 DAI M . -0.42 8.54 10.83
C12 DAI M . 0.91 7.79 7.64
C11 DAI M . 0.48 8.84 6.87
C9 DAI M . 1.28 9.34 5.86
C8 DAI M . 2.54 8.77 5.64
C7 DAI M . 2.97 7.70 6.43
C6 DAI M . 2.15 7.19 7.44
C27 DAI M . -1.81 8.08 7.02
C10 DAI M . -0.92 9.32 7.22
C5 DAI M . -1.34 10.55 6.42
O4 DAI M . -0.51 11.65 6.79
C26 DAI M . -1.70 7.53 5.65
O22 DAI M . -2.04 8.14 4.69
N25 DAI M . -1.19 6.35 5.63
C21 DAI M . -0.82 5.65 4.39
C20 DAI M . -2.10 5.06 3.82
C3 DAI M . -1.80 3.91 2.87
C2 DAI M . -2.42 2.60 3.35
C1 DAI M . -2.05 1.43 2.46
MG MG N . 11.77 2.09 1.50
MG MG O . 7.52 8.59 -3.89
MG MG P . 1.17 12.79 -3.36
MG MG Q . -11.59 1.42 9.17
MG MG R . 11.86 23.36 12.18
MG MG S . -9.36 8.91 -3.91
#